data_1BYB
#
_entry.id   1BYB
#
_cell.length_a   86.200
_cell.length_b   86.200
_cell.length_c   144.200
_cell.angle_alpha   90.00
_cell.angle_beta   90.00
_cell.angle_gamma   120.00
#
_symmetry.space_group_name_H-M   'P 31 2 1'
#
loop_
_entity.id
_entity.type
_entity.pdbx_description
1 polymer BETA-AMYLASE
2 branched alpha-D-glucopyranose-(1-4)-alpha-D-glucopyranose-(1-4)-alpha-D-glucopyranose-(1-4)-alpha-D-glucopyranose
3 non-polymer 'SULFATE ION'
4 water water
#
_entity_poly.entity_id   1
_entity_poly.type   'polypeptide(L)'
_entity_poly.pdbx_seq_one_letter_code
;ATSDSNMLLNYVPVYVMLPLGVVNVDNVFEDPDGLKEQLLQLRAAGVDGVMVDVWWGIIELKGPKQYDWRAYRSLFQLVQ
ECGLTLQAIMSFHQCGGNVGDIVNIPIPQWVLDIGESNHDIFYTNRSGTRNKEYLTVGVDNEPIFHGRTAIEIYSDYMKS
FRENMSDFLESGLIIDIEVGLGPAGELRYPSYPQSQGWEFPRIGEFQCYDKYLKADFKAAVARAGHPEWELPDDAGKYND
VPESTGFFKSNGTYVTEKGKFFLTWYSNKLLNHGDQILDEANKAFLGCKVKLAIKVSGIHWWYKVENHAAELTAGYYNLN
DRDGYRPIARMLSRHHAILNFTCLEMRDSEQPSDAKSGPQELVQQVLSGGWREDIRVAGENALPRYDATAYNQIILNAKP
QGVNNNGPPKLSMFGVTYLRLSDDLLQKSNFNIFKKFVLKMHADQDYCANPQKYNHAITPLKPSAPKIPIEVLLEATKPT
LPFPWLPETDMKVDG
;
_entity_poly.pdbx_strand_id   A
#
loop_
_chem_comp.id
_chem_comp.type
_chem_comp.name
_chem_comp.formula
GLC D-saccharide, alpha linking alpha-D-glucopyranose 'C6 H12 O6'
SO4 non-polymer 'SULFATE ION' 'O4 S -2'
#
# COMPACT_ATOMS: atom_id res chain seq x y z
N SER A 5 -17.52 -9.65 -27.45
CA SER A 5 -16.26 -8.88 -27.29
C SER A 5 -14.97 -9.78 -27.24
N ASN A 6 -13.81 -9.16 -27.60
CA ASN A 6 -12.48 -9.82 -27.72
C ASN A 6 -11.65 -10.16 -26.44
N MET A 7 -10.86 -11.23 -26.59
CA MET A 7 -10.03 -11.79 -25.55
C MET A 7 -9.14 -10.76 -24.91
N LEU A 8 -8.76 -9.74 -25.72
CA LEU A 8 -7.90 -8.69 -25.24
C LEU A 8 -8.55 -8.06 -24.07
N LEU A 9 -9.86 -8.14 -24.03
CA LEU A 9 -10.58 -7.52 -22.92
C LEU A 9 -10.31 -8.20 -21.61
N ASN A 10 -9.61 -9.35 -21.65
CA ASN A 10 -9.23 -10.11 -20.47
C ASN A 10 -7.81 -9.80 -19.95
N TYR A 11 -7.12 -8.96 -20.69
CA TYR A 11 -5.75 -8.64 -20.37
C TYR A 11 -5.59 -7.89 -19.07
N VAL A 12 -4.73 -8.37 -18.18
CA VAL A 12 -4.36 -7.66 -16.95
C VAL A 12 -2.89 -7.27 -17.06
N PRO A 13 -2.56 -5.97 -16.94
CA PRO A 13 -1.19 -5.55 -17.09
C PRO A 13 -0.31 -6.02 -15.97
N VAL A 14 0.96 -6.22 -16.26
CA VAL A 14 1.99 -6.64 -15.31
C VAL A 14 3.14 -5.61 -15.27
N TYR A 15 3.44 -5.11 -14.09
CA TYR A 15 4.56 -4.21 -13.77
C TYR A 15 5.56 -4.95 -12.85
N VAL A 16 6.79 -4.46 -12.81
CA VAL A 16 7.86 -5.00 -12.04
C VAL A 16 8.48 -3.90 -11.23
N MET A 17 8.66 -4.14 -9.91
CA MET A 17 9.30 -3.12 -9.14
C MET A 17 10.77 -3.10 -9.47
N LEU A 18 11.29 -1.90 -9.50
CA LEU A 18 12.72 -1.69 -9.65
C LEU A 18 13.43 -1.96 -8.29
N PRO A 19 14.75 -2.19 -8.31
CA PRO A 19 15.52 -2.38 -7.10
C PRO A 19 15.44 -1.20 -6.18
N LEU A 20 15.45 -1.45 -4.87
CA LEU A 20 15.42 -0.36 -3.92
C LEU A 20 16.73 0.36 -4.12
N GLY A 21 16.76 1.62 -3.99
CA GLY A 21 18.12 2.15 -4.16
C GLY A 21 18.70 2.28 -5.58
N VAL A 22 17.92 2.17 -6.65
CA VAL A 22 18.42 2.45 -7.99
C VAL A 22 18.95 3.90 -8.13
N VAL A 23 18.39 4.82 -7.33
CA VAL A 23 18.93 6.14 -7.13
C VAL A 23 19.42 6.14 -5.70
N ASN A 24 20.65 6.45 -5.45
CA ASN A 24 21.04 6.27 -4.08
C ASN A 24 20.80 7.43 -3.17
N VAL A 25 21.25 7.25 -1.92
CA VAL A 25 21.00 8.30 -0.92
C VAL A 25 21.61 9.59 -1.22
N ASP A 26 22.60 9.54 -2.08
CA ASP A 26 23.24 10.79 -2.46
C ASP A 26 22.56 11.41 -3.65
N ASN A 27 21.41 10.87 -3.98
CA ASN A 27 20.69 11.43 -5.12
C ASN A 27 21.52 11.24 -6.41
N VAL A 28 22.08 10.02 -6.57
CA VAL A 28 22.84 9.65 -7.74
C VAL A 28 22.26 8.40 -8.36
N PHE A 29 21.97 8.48 -9.64
CA PHE A 29 21.43 7.35 -10.37
C PHE A 29 22.66 6.49 -10.73
N GLU A 30 22.85 5.46 -9.92
CA GLU A 30 24.08 4.69 -9.91
C GLU A 30 24.54 4.06 -11.18
N ASP A 31 23.74 3.19 -11.73
CA ASP A 31 24.23 2.44 -12.81
C ASP A 31 23.24 2.29 -13.89
N PRO A 32 23.17 3.29 -14.69
CA PRO A 32 22.19 3.32 -15.79
C PRO A 32 22.43 2.19 -16.79
N ASP A 33 23.69 1.85 -16.95
CA ASP A 33 24.00 0.86 -17.94
C ASP A 33 23.46 -0.44 -17.57
N GLY A 34 23.74 -0.76 -16.34
CA GLY A 34 23.27 -2.02 -15.80
C GLY A 34 21.72 -2.11 -15.84
N LEU A 35 21.06 -1.05 -15.36
CA LEU A 35 19.64 -1.08 -15.37
C LEU A 35 19.08 -1.24 -16.74
N LYS A 36 19.69 -0.56 -17.68
CA LYS A 36 19.25 -0.62 -19.02
C LYS A 36 19.13 -2.05 -19.54
N GLU A 37 20.16 -2.83 -19.35
CA GLU A 37 20.15 -4.19 -19.86
C GLU A 37 19.04 -4.99 -19.21
N GLN A 38 18.83 -4.74 -17.89
CA GLN A 38 17.71 -5.38 -17.23
C GLN A 38 16.35 -4.97 -17.83
N LEU A 39 16.14 -3.63 -17.93
CA LEU A 39 14.87 -3.17 -18.51
C LEU A 39 14.61 -3.75 -19.88
N LEU A 40 15.69 -3.86 -20.70
CA LEU A 40 15.58 -4.38 -22.03
C LEU A 40 15.04 -5.80 -22.01
N GLN A 41 15.51 -6.59 -21.03
CA GLN A 41 14.98 -7.96 -20.83
C GLN A 41 13.48 -7.96 -20.47
N LEU A 42 13.09 -7.04 -19.63
CA LEU A 42 11.66 -7.00 -19.25
C LEU A 42 10.77 -6.67 -20.43
N ARG A 43 11.23 -5.70 -21.26
CA ARG A 43 10.48 -5.25 -22.48
C ARG A 43 10.29 -6.42 -23.42
N ALA A 44 11.30 -7.29 -23.52
CA ALA A 44 11.21 -8.46 -24.42
C ALA A 44 10.34 -9.56 -23.89
N ALA A 45 10.19 -9.60 -22.54
CA ALA A 45 9.32 -10.57 -21.83
C ALA A 45 7.87 -10.19 -21.91
N GLY A 46 7.58 -8.95 -22.32
CA GLY A 46 6.21 -8.53 -22.47
C GLY A 46 5.64 -7.70 -21.29
N VAL A 47 6.51 -7.29 -20.35
CA VAL A 47 6.15 -6.53 -19.16
C VAL A 47 5.61 -5.16 -19.56
N ASP A 48 4.48 -4.73 -18.97
CA ASP A 48 3.91 -3.46 -19.34
C ASP A 48 4.64 -2.24 -18.82
N GLY A 49 5.15 -2.28 -17.60
CA GLY A 49 5.70 -1.09 -16.96
C GLY A 49 6.49 -1.49 -15.69
N VAL A 50 7.05 -0.53 -14.97
CA VAL A 50 7.84 -0.80 -13.78
C VAL A 50 7.37 0.15 -12.72
N MET A 51 7.71 -0.15 -11.46
CA MET A 51 7.31 0.66 -10.31
C MET A 51 8.55 1.15 -9.58
N VAL A 52 8.51 2.38 -9.12
CA VAL A 52 9.69 2.93 -8.45
C VAL A 52 9.33 3.86 -7.27
N ASP A 53 10.11 3.78 -6.19
CA ASP A 53 9.96 4.67 -5.08
C ASP A 53 10.59 5.98 -5.46
N VAL A 54 9.87 7.07 -5.17
CA VAL A 54 10.45 8.39 -5.30
C VAL A 54 10.70 8.90 -3.87
N TRP A 55 11.87 8.61 -3.31
CA TRP A 55 12.17 8.84 -1.90
C TRP A 55 12.17 10.27 -1.48
N TRP A 56 11.29 10.59 -0.58
CA TRP A 56 11.18 11.93 -0.02
C TRP A 56 12.47 12.29 0.60
N GLY A 57 13.04 11.30 1.31
CA GLY A 57 14.28 11.50 2.02
C GLY A 57 15.52 11.77 1.14
N ILE A 58 15.50 11.38 -0.11
CA ILE A 58 16.58 11.70 -0.97
C ILE A 58 16.34 13.08 -1.64
N ILE A 59 15.09 13.33 -2.10
CA ILE A 59 14.72 14.52 -2.86
C ILE A 59 14.77 15.82 -2.07
N GLU A 60 14.15 15.83 -0.89
CA GLU A 60 14.05 17.05 -0.11
C GLU A 60 15.04 17.03 1.07
N LEU A 61 16.19 16.46 0.80
CA LEU A 61 17.18 16.24 1.82
C LEU A 61 17.76 17.47 2.46
N LYS A 62 18.19 18.43 1.62
CA LYS A 62 18.94 19.57 2.02
C LYS A 62 18.21 20.49 2.98
N GLY A 63 16.90 20.68 2.80
CA GLY A 63 16.17 21.62 3.62
C GLY A 63 14.78 21.77 3.07
N PRO A 64 13.91 22.46 3.77
CA PRO A 64 12.52 22.60 3.30
C PRO A 64 12.45 23.22 1.91
N LYS A 65 11.69 22.61 1.04
CA LYS A 65 11.50 23.00 -0.36
C LYS A 65 12.76 23.07 -1.19
N GLN A 66 13.77 22.36 -0.74
CA GLN A 66 14.97 22.24 -1.47
C GLN A 66 14.94 20.94 -2.19
N TYR A 67 14.21 20.86 -3.30
CA TYR A 67 14.13 19.60 -4.03
C TYR A 67 15.21 19.49 -5.09
N ASP A 68 15.75 18.28 -5.29
CA ASP A 68 16.58 18.00 -6.41
C ASP A 68 16.01 16.82 -7.13
N TRP A 69 15.42 17.06 -8.32
CA TRP A 69 14.77 16.03 -9.11
C TRP A 69 15.64 15.41 -10.18
N ARG A 70 16.89 15.84 -10.29
CA ARG A 70 17.71 15.48 -11.46
C ARG A 70 17.96 14.01 -11.71
N ALA A 71 18.38 13.26 -10.69
CA ALA A 71 18.63 11.85 -10.91
C ALA A 71 17.36 11.10 -11.26
N TYR A 72 16.21 11.50 -10.66
CA TYR A 72 14.99 10.79 -11.04
C TYR A 72 14.59 11.09 -12.52
N ARG A 73 14.91 12.33 -12.96
CA ARG A 73 14.66 12.72 -14.36
C ARG A 73 15.45 11.79 -15.29
N SER A 74 16.74 11.50 -14.95
CA SER A 74 17.56 10.59 -15.79
C SER A 74 16.94 9.17 -15.81
N LEU A 75 16.49 8.70 -14.64
CA LEU A 75 15.89 7.38 -14.56
C LEU A 75 14.64 7.27 -15.42
N PHE A 76 13.70 8.23 -15.24
CA PHE A 76 12.48 8.22 -16.03
C PHE A 76 12.76 8.20 -17.55
N GLN A 77 13.76 8.95 -17.91
CA GLN A 77 14.17 8.98 -19.31
C GLN A 77 14.58 7.61 -19.82
N LEU A 78 15.45 6.98 -19.05
CA LEU A 78 15.88 5.64 -19.43
C LEU A 78 14.67 4.69 -19.55
N VAL A 79 13.74 4.79 -18.57
CA VAL A 79 12.58 3.88 -18.59
C VAL A 79 11.77 4.13 -19.86
N GLN A 80 11.58 5.41 -20.15
CA GLN A 80 10.87 5.79 -21.35
C GLN A 80 11.56 5.27 -22.65
N GLU A 81 12.87 5.37 -22.71
CA GLU A 81 13.61 4.81 -23.82
C GLU A 81 13.41 3.32 -23.97
N CYS A 82 13.18 2.59 -22.89
CA CYS A 82 13.04 1.14 -22.92
C CYS A 82 11.63 0.65 -23.25
N GLY A 83 10.73 1.59 -23.49
CA GLY A 83 9.40 1.23 -23.91
C GLY A 83 8.53 0.77 -22.80
N LEU A 84 8.78 1.23 -21.59
CA LEU A 84 7.98 0.82 -20.44
C LEU A 84 7.22 2.00 -19.84
N THR A 85 6.08 1.72 -19.19
CA THR A 85 5.35 2.72 -18.43
C THR A 85 5.81 2.67 -17.00
N LEU A 86 5.33 3.59 -16.21
CA LEU A 86 5.85 3.72 -14.89
C LEU A 86 4.77 4.07 -13.82
N GLN A 87 4.88 3.42 -12.66
CA GLN A 87 4.07 3.67 -11.46
C GLN A 87 5.00 4.32 -10.45
N ALA A 88 4.73 5.54 -10.11
CA ALA A 88 5.64 6.26 -9.24
C ALA A 88 5.05 6.29 -7.80
N ILE A 89 5.85 5.91 -6.82
CA ILE A 89 5.39 5.95 -5.44
C ILE A 89 5.87 7.22 -4.80
N MET A 90 5.02 7.99 -4.22
CA MET A 90 5.47 9.14 -3.46
C MET A 90 5.91 8.56 -2.11
N SER A 91 7.16 8.16 -1.97
CA SER A 91 7.55 7.46 -0.78
C SER A 91 7.94 8.39 0.36
N PHE A 92 6.98 8.65 1.27
CA PHE A 92 7.25 9.54 2.38
C PHE A 92 7.76 8.81 3.66
N HIS A 93 8.36 7.66 3.46
CA HIS A 93 8.70 6.80 4.55
C HIS A 93 10.15 6.40 4.47
N GLN A 94 10.67 5.78 5.53
CA GLN A 94 12.04 5.37 5.47
C GLN A 94 12.23 3.99 4.86
N CYS A 95 13.34 3.74 4.15
CA CYS A 95 13.64 2.41 3.66
C CYS A 95 14.62 1.85 4.63
N GLY A 96 14.43 0.59 5.05
CA GLY A 96 15.38 0.06 6.02
C GLY A 96 14.91 -0.99 7.10
N GLY A 97 13.83 -0.74 7.82
CA GLY A 97 13.51 -1.70 8.89
C GLY A 97 12.46 -2.76 8.55
N ASN A 98 12.03 -2.81 7.29
CA ASN A 98 11.02 -3.72 6.90
C ASN A 98 11.60 -4.84 6.11
N VAL A 99 10.83 -5.88 5.97
CA VAL A 99 11.30 -7.07 5.32
C VAL A 99 11.82 -6.72 3.93
N GLY A 100 13.03 -7.18 3.59
CA GLY A 100 13.57 -7.03 2.24
C GLY A 100 14.32 -5.73 2.06
N ASP A 101 14.19 -4.83 3.01
CA ASP A 101 14.84 -3.56 2.84
C ASP A 101 16.33 -3.69 2.92
N ILE A 102 16.99 -3.81 1.76
CA ILE A 102 18.47 -3.89 1.75
C ILE A 102 19.27 -2.61 1.78
N VAL A 103 18.62 -1.47 1.79
CA VAL A 103 19.33 -0.21 1.80
C VAL A 103 18.69 0.73 2.81
N ASN A 104 19.45 1.57 3.44
CA ASN A 104 18.85 2.43 4.36
C ASN A 104 18.62 3.75 3.73
N ILE A 105 17.38 4.17 3.72
CA ILE A 105 17.04 5.50 3.26
C ILE A 105 16.06 6.18 4.24
N PRO A 106 16.55 7.06 5.04
CA PRO A 106 15.70 7.71 5.99
C PRO A 106 14.93 8.87 5.40
N ILE A 107 14.03 9.43 6.23
CA ILE A 107 13.34 10.63 5.84
C ILE A 107 14.33 11.80 5.94
N PRO A 108 13.98 12.99 5.48
CA PRO A 108 14.90 14.10 5.44
C PRO A 108 15.53 14.43 6.75
N GLN A 109 16.84 14.67 6.74
CA GLN A 109 17.55 14.98 7.96
C GLN A 109 16.95 16.14 8.66
N TRP A 110 16.46 17.07 7.89
CA TRP A 110 15.99 18.28 8.57
C TRP A 110 14.72 17.98 9.41
N VAL A 111 13.99 16.96 8.98
CA VAL A 111 12.84 16.54 9.72
C VAL A 111 13.25 15.77 10.96
N LEU A 112 14.29 14.97 10.79
CA LEU A 112 14.86 14.20 11.87
C LEU A 112 15.42 15.13 12.90
N ASP A 113 15.96 16.25 12.43
CA ASP A 113 16.46 17.24 13.38
C ASP A 113 15.36 17.81 14.24
N ILE A 114 14.20 18.07 13.65
CA ILE A 114 13.13 18.57 14.49
C ILE A 114 12.69 17.55 15.56
N GLY A 115 12.76 16.31 15.15
CA GLY A 115 12.40 15.21 15.98
C GLY A 115 13.35 15.04 17.13
N GLU A 116 14.54 15.59 16.97
CA GLU A 116 15.49 15.50 18.04
C GLU A 116 14.99 16.33 19.20
N SER A 117 14.22 17.29 18.88
CA SER A 117 13.75 18.01 19.98
C SER A 117 12.25 17.85 20.22
N ASN A 118 11.53 17.19 19.33
CA ASN A 118 10.12 16.95 19.59
C ASN A 118 9.92 15.53 19.19
N HIS A 119 10.17 14.62 20.11
CA HIS A 119 10.13 13.20 19.84
C HIS A 119 8.78 12.69 19.46
N ASP A 120 7.76 13.54 19.69
CA ASP A 120 6.37 13.15 19.49
C ASP A 120 5.92 13.24 18.07
N ILE A 121 6.83 13.46 17.17
CA ILE A 121 6.43 13.51 15.77
C ILE A 121 6.46 12.12 15.22
N PHE A 122 7.01 11.16 16.00
CA PHE A 122 7.11 9.78 15.54
C PHE A 122 6.07 8.85 16.19
N TYR A 123 5.70 7.81 15.47
CA TYR A 123 4.83 6.80 16.03
C TYR A 123 5.51 6.20 17.30
N THR A 124 4.75 6.09 18.39
CA THR A 124 5.29 5.67 19.71
C THR A 124 4.49 4.56 20.30
N ASN A 125 5.15 3.54 20.81
CA ASN A 125 4.43 2.48 21.42
C ASN A 125 4.29 2.75 22.92
N ARG A 126 3.60 1.88 23.60
CA ARG A 126 3.34 2.06 25.03
C ARG A 126 4.63 2.18 25.89
N SER A 127 5.72 1.53 25.50
CA SER A 127 6.93 1.67 26.28
C SER A 127 7.70 2.91 26.03
N GLY A 128 7.25 3.73 25.05
CA GLY A 128 7.91 4.98 24.71
C GLY A 128 8.95 4.84 23.59
N THR A 129 8.99 3.71 22.88
CA THR A 129 9.93 3.60 21.78
C THR A 129 9.44 4.42 20.58
N ARG A 130 10.32 5.25 20.07
CA ARG A 130 9.93 6.06 18.91
C ARG A 130 10.36 5.47 17.57
N ASN A 131 9.41 5.32 16.65
CA ASN A 131 9.70 4.79 15.32
C ASN A 131 9.89 5.94 14.35
N LYS A 132 11.10 6.01 13.86
CA LYS A 132 11.43 7.12 13.02
C LYS A 132 11.08 6.92 11.55
N GLU A 133 10.40 5.83 11.19
CA GLU A 133 10.28 5.60 9.78
C GLU A 133 9.16 6.39 9.09
N TYR A 134 8.37 7.13 9.87
CA TYR A 134 7.20 7.84 9.30
C TYR A 134 6.60 8.76 10.29
N LEU A 135 6.11 9.87 9.82
CA LEU A 135 5.61 10.82 10.80
C LEU A 135 4.23 10.40 11.29
N THR A 136 4.01 10.45 12.59
CA THR A 136 2.71 10.14 13.11
C THR A 136 1.57 10.99 12.51
N VAL A 137 0.48 10.30 12.24
CA VAL A 137 -0.75 10.94 11.86
C VAL A 137 -1.10 12.06 12.82
N GLY A 138 -0.58 11.98 14.03
CA GLY A 138 -0.89 13.00 15.04
C GLY A 138 -0.43 14.41 14.61
N VAL A 139 0.62 14.46 13.73
CA VAL A 139 1.07 15.81 13.36
C VAL A 139 0.62 16.24 11.95
N ASP A 140 -0.36 15.53 11.33
CA ASP A 140 -0.77 15.85 9.97
C ASP A 140 -1.02 17.35 9.83
N ASN A 141 -1.64 17.92 10.87
CA ASN A 141 -2.10 19.29 10.82
C ASN A 141 -1.48 20.16 11.88
N GLU A 142 -0.26 19.79 12.35
CA GLU A 142 0.44 20.62 13.34
C GLU A 142 1.48 21.43 12.59
N PRO A 143 1.48 22.77 12.71
CA PRO A 143 2.36 23.58 11.85
C PRO A 143 3.72 23.77 12.48
N ILE A 144 4.34 22.63 12.78
CA ILE A 144 5.59 22.58 13.52
C ILE A 144 6.86 22.30 12.69
N PHE A 145 6.72 22.08 11.37
CA PHE A 145 7.88 21.80 10.52
C PHE A 145 8.31 23.05 9.78
N HIS A 146 9.00 23.96 10.51
CA HIS A 146 9.43 25.27 9.96
C HIS A 146 8.21 25.97 9.36
N GLY A 147 7.11 25.98 10.08
CA GLY A 147 5.94 26.68 9.58
C GLY A 147 4.94 25.80 8.82
N ARG A 148 5.37 24.63 8.36
CA ARG A 148 4.48 23.76 7.61
C ARG A 148 3.96 22.64 8.47
N THR A 149 2.79 22.09 8.06
CA THR A 149 2.21 20.91 8.69
C THR A 149 2.72 19.72 7.91
N ALA A 150 2.55 18.52 8.42
CA ALA A 150 3.04 17.39 7.70
C ALA A 150 2.33 17.24 6.37
N ILE A 151 1.03 17.47 6.38
CA ILE A 151 0.25 17.34 5.15
C ILE A 151 0.70 18.37 4.08
N GLU A 152 1.00 19.58 4.54
CA GLU A 152 1.55 20.62 3.61
C GLU A 152 2.85 20.19 3.02
N ILE A 153 3.69 19.57 3.80
CA ILE A 153 4.96 19.01 3.27
C ILE A 153 4.70 18.01 2.13
N TYR A 154 3.75 17.10 2.38
CA TYR A 154 3.49 16.10 1.38
C TYR A 154 2.91 16.75 0.16
N SER A 155 2.04 17.69 0.41
CA SER A 155 1.35 18.34 -0.68
C SER A 155 2.36 19.11 -1.57
N ASP A 156 3.21 19.89 -0.94
CA ASP A 156 4.18 20.71 -1.69
C ASP A 156 5.07 19.79 -2.54
N TYR A 157 5.38 18.59 -1.97
CA TYR A 157 6.27 17.65 -2.61
C TYR A 157 5.68 17.14 -3.91
N MET A 158 4.38 16.80 -3.84
CA MET A 158 3.68 16.26 -5.00
C MET A 158 3.43 17.36 -6.04
N LYS A 159 3.17 18.62 -5.60
CA LYS A 159 3.09 19.76 -6.57
C LYS A 159 4.42 19.90 -7.34
N SER A 160 5.53 19.89 -6.58
CA SER A 160 6.85 20.01 -7.19
C SER A 160 7.17 18.88 -8.17
N PHE A 161 6.82 17.62 -7.80
CA PHE A 161 6.96 16.51 -8.66
C PHE A 161 6.15 16.75 -9.94
N ARG A 162 4.91 17.16 -9.79
CA ARG A 162 4.08 17.39 -10.96
C ARG A 162 4.68 18.41 -11.92
N GLU A 163 5.09 19.53 -11.40
CA GLU A 163 5.63 20.56 -12.25
C GLU A 163 6.95 20.15 -12.92
N ASN A 164 7.85 19.59 -12.12
CA ASN A 164 9.14 19.23 -12.65
C ASN A 164 9.18 18.04 -13.59
N MET A 165 8.16 17.17 -13.55
CA MET A 165 8.06 15.97 -14.37
C MET A 165 6.95 16.15 -15.40
N SER A 166 6.57 17.40 -15.62
CA SER A 166 5.39 17.63 -16.48
C SER A 166 5.53 17.05 -17.87
N ASP A 167 6.75 17.12 -18.41
CA ASP A 167 7.03 16.54 -19.71
C ASP A 167 6.78 15.01 -19.73
N PHE A 168 7.30 14.28 -18.73
CA PHE A 168 7.02 12.87 -18.66
C PHE A 168 5.54 12.61 -18.47
N LEU A 169 4.90 13.47 -17.68
CA LEU A 169 3.49 13.24 -17.43
C LEU A 169 2.69 13.44 -18.69
N GLU A 170 3.04 14.47 -19.40
CA GLU A 170 2.23 14.66 -20.52
C GLU A 170 2.51 13.70 -21.63
N SER A 171 3.65 13.07 -21.62
CA SER A 171 3.95 12.10 -22.65
C SER A 171 3.41 10.71 -22.35
N GLY A 172 2.60 10.59 -21.29
CA GLY A 172 1.94 9.33 -20.88
C GLY A 172 2.91 8.25 -20.34
N LEU A 173 4.05 8.67 -19.81
CA LEU A 173 4.96 7.69 -19.28
C LEU A 173 4.45 7.21 -17.91
N ILE A 174 4.00 8.16 -17.09
CA ILE A 174 3.62 7.79 -15.74
C ILE A 174 2.17 7.34 -15.71
N ILE A 175 1.88 6.13 -15.41
CA ILE A 175 0.48 5.81 -15.45
C ILE A 175 -0.26 5.91 -14.10
N ASP A 176 0.46 5.74 -12.98
CA ASP A 176 -0.20 5.93 -11.74
C ASP A 176 0.69 6.48 -10.72
N ILE A 177 0.07 7.16 -9.77
CA ILE A 177 0.78 7.76 -8.67
C ILE A 177 0.36 7.05 -7.43
N GLU A 178 1.28 6.34 -6.80
CA GLU A 178 0.96 5.63 -5.55
C GLU A 178 1.26 6.56 -4.37
N VAL A 179 0.27 6.94 -3.60
CA VAL A 179 0.54 7.87 -2.57
C VAL A 179 0.91 7.17 -1.28
N GLY A 180 2.18 7.35 -0.86
CA GLY A 180 2.66 6.81 0.40
C GLY A 180 1.89 7.43 1.58
N LEU A 181 1.37 6.54 2.48
CA LEU A 181 0.51 6.94 3.59
C LEU A 181 0.93 6.34 4.96
N GLY A 182 2.07 5.61 4.99
CA GLY A 182 2.60 5.07 6.21
C GLY A 182 3.85 4.28 5.95
N PRO A 183 4.27 3.49 6.95
CA PRO A 183 5.41 2.60 6.83
C PRO A 183 5.30 1.77 5.56
N ALA A 184 6.44 1.55 4.91
CA ALA A 184 6.44 0.80 3.68
C ALA A 184 5.56 1.39 2.62
N GLY A 185 5.15 2.65 2.82
CA GLY A 185 4.22 3.35 1.92
C GLY A 185 2.73 2.92 2.09
N GLU A 186 2.46 2.04 3.06
CA GLU A 186 1.12 1.49 3.29
C GLU A 186 0.30 2.31 4.26
N LEU A 187 -1.00 2.39 4.01
CA LEU A 187 -1.88 3.06 4.99
C LEU A 187 -2.13 2.10 6.16
N ARG A 188 -1.31 2.25 7.21
CA ARG A 188 -1.38 1.35 8.38
C ARG A 188 -0.45 1.91 9.44
N TYR A 189 -0.57 1.46 10.68
CA TYR A 189 0.37 1.91 11.71
C TYR A 189 1.54 0.93 11.63
N PRO A 190 2.66 1.31 12.16
CA PRO A 190 3.82 0.43 12.18
C PRO A 190 3.73 -0.56 13.38
N SER A 191 2.73 -1.42 13.35
CA SER A 191 2.47 -2.30 14.47
C SER A 191 3.38 -3.52 14.55
N TYR A 192 4.05 -3.87 13.45
CA TYR A 192 4.95 -5.00 13.41
C TYR A 192 6.33 -4.60 12.97
N PRO A 193 7.05 -3.83 13.78
CA PRO A 193 8.37 -3.33 13.39
C PRO A 193 9.44 -4.35 13.69
N GLN A 194 10.06 -4.87 12.64
CA GLN A 194 11.22 -5.78 12.81
C GLN A 194 12.32 -5.06 13.61
N SER A 195 12.47 -3.78 13.36
CA SER A 195 13.47 -2.99 14.03
C SER A 195 13.32 -3.00 15.55
N GLN A 196 12.17 -3.49 16.05
CA GLN A 196 11.90 -3.52 17.49
C GLN A 196 11.82 -4.95 18.04
N GLY A 197 12.13 -5.90 17.21
CA GLY A 197 12.07 -7.25 17.67
C GLY A 197 11.05 -8.05 16.85
N TRP A 198 9.85 -7.49 16.75
CA TRP A 198 8.68 -8.21 16.20
C TRP A 198 9.16 -9.30 15.24
N GLU A 199 8.67 -10.49 15.52
CA GLU A 199 8.95 -11.68 14.69
C GLU A 199 7.66 -12.15 14.01
N PHE A 200 7.74 -12.19 12.71
CA PHE A 200 6.59 -12.51 11.83
C PHE A 200 5.44 -13.06 12.68
N PRO A 201 5.50 -14.30 13.17
CA PRO A 201 4.46 -14.83 14.03
C PRO A 201 4.37 -14.01 15.31
N ARG A 202 3.43 -13.07 15.32
CA ARG A 202 3.13 -12.23 16.51
C ARG A 202 2.00 -11.22 16.19
N ILE A 203 1.46 -10.63 17.26
CA ILE A 203 0.20 -9.82 17.20
C ILE A 203 0.52 -8.35 16.93
N GLY A 204 1.69 -7.89 17.29
CA GLY A 204 2.02 -6.48 17.12
C GLY A 204 1.53 -5.59 18.27
N GLU A 205 1.85 -4.32 18.22
CA GLU A 205 1.44 -3.39 19.24
C GLU A 205 0.79 -2.16 18.62
N PHE A 206 -0.15 -1.55 19.40
CA PHE A 206 -0.89 -0.33 19.07
C PHE A 206 0.13 0.78 19.08
N GLN A 207 -0.01 1.69 18.14
CA GLN A 207 0.98 2.75 17.99
C GLN A 207 0.36 4.16 18.15
N CYS A 208 -0.39 4.38 19.23
CA CYS A 208 -1.03 5.67 19.41
C CYS A 208 -0.58 6.37 20.69
N TYR A 209 0.69 6.22 21.09
CA TYR A 209 1.20 6.74 22.33
C TYR A 209 1.91 8.09 22.27
N ASP A 210 2.19 8.62 21.07
CA ASP A 210 2.73 10.00 21.00
C ASP A 210 1.76 10.96 21.64
N LYS A 211 2.28 12.10 22.03
CA LYS A 211 1.47 13.01 22.73
C LYS A 211 0.30 13.54 21.97
N TYR A 212 0.37 13.62 20.66
CA TYR A 212 -0.72 14.28 19.97
C TYR A 212 -1.88 13.32 19.89
N LEU A 213 -1.53 12.09 19.56
CA LEU A 213 -2.59 11.11 19.48
C LEU A 213 -3.21 10.86 20.86
N LYS A 214 -2.35 10.81 21.88
CA LYS A 214 -2.85 10.57 23.21
C LYS A 214 -3.81 11.70 23.68
N ALA A 215 -3.47 12.97 23.34
CA ALA A 215 -4.35 14.10 23.67
C ALA A 215 -5.64 14.04 22.91
N ASP A 216 -5.60 13.55 21.68
CA ASP A 216 -6.78 13.49 20.86
C ASP A 216 -7.75 12.49 21.43
N PHE A 217 -7.20 11.33 21.79
CA PHE A 217 -7.99 10.29 22.38
C PHE A 217 -8.60 10.72 23.70
N LYS A 218 -7.81 11.32 24.55
CA LYS A 218 -8.32 11.78 25.83
C LYS A 218 -9.46 12.77 25.70
N ALA A 219 -9.35 13.66 24.73
CA ALA A 219 -10.43 14.61 24.54
C ALA A 219 -11.66 13.90 24.02
N ALA A 220 -11.43 12.96 23.10
CA ALA A 220 -12.58 12.26 22.52
C ALA A 220 -13.36 11.42 23.57
N VAL A 221 -12.65 10.70 24.43
CA VAL A 221 -13.38 9.90 25.40
C VAL A 221 -14.16 10.83 26.31
N ALA A 222 -13.56 11.99 26.64
CA ALA A 222 -14.26 12.94 27.48
C ALA A 222 -15.55 13.38 26.80
N ARG A 223 -15.48 13.59 25.50
CA ARG A 223 -16.68 14.04 24.85
C ARG A 223 -17.72 12.90 24.81
N ALA A 224 -17.25 11.67 24.80
CA ALA A 224 -18.14 10.52 24.75
C ALA A 224 -18.78 10.31 26.10
N GLY A 225 -18.30 11.03 27.07
CA GLY A 225 -18.80 10.90 28.43
C GLY A 225 -17.96 10.01 29.38
N HIS A 226 -16.70 9.68 29.00
CA HIS A 226 -15.84 8.79 29.75
C HIS A 226 -14.44 9.25 29.82
N PRO A 227 -14.23 10.37 30.51
CA PRO A 227 -12.95 11.03 30.64
C PRO A 227 -11.91 10.17 31.26
N GLU A 228 -12.39 9.22 32.05
CA GLU A 228 -11.55 8.31 32.79
C GLU A 228 -10.95 7.25 31.91
N TRP A 229 -11.48 7.06 30.70
CA TRP A 229 -10.93 6.03 29.82
C TRP A 229 -9.48 6.30 29.41
N GLU A 230 -8.68 5.27 29.40
CA GLU A 230 -7.26 5.38 29.06
C GLU A 230 -6.95 4.61 27.77
N LEU A 231 -5.77 4.83 27.18
CA LEU A 231 -5.33 3.99 26.06
C LEU A 231 -5.10 2.57 26.59
N PRO A 232 -5.16 1.59 25.73
CA PRO A 232 -5.00 0.23 26.14
C PRO A 232 -3.75 -0.05 26.90
N ASP A 233 -3.95 -0.81 27.98
CA ASP A 233 -2.81 -1.23 28.83
C ASP A 233 -2.78 -2.74 29.06
N ASP A 234 -3.66 -3.45 28.42
CA ASP A 234 -3.63 -4.86 28.60
C ASP A 234 -3.48 -5.59 27.28
N ALA A 235 -2.89 -4.91 26.28
CA ALA A 235 -2.84 -5.47 24.93
C ALA A 235 -1.62 -6.31 24.68
N GLY A 236 -0.71 -6.35 25.63
CA GLY A 236 0.44 -7.24 25.45
C GLY A 236 1.59 -6.60 24.69
N LYS A 237 2.45 -7.45 24.10
CA LYS A 237 3.59 -6.92 23.38
C LYS A 237 3.72 -7.52 22.00
N TYR A 238 4.67 -6.97 21.20
CA TYR A 238 4.84 -7.40 19.79
C TYR A 238 4.62 -8.88 19.48
N ASN A 239 5.29 -9.78 20.24
CA ASN A 239 5.24 -11.20 19.90
C ASN A 239 4.27 -12.05 20.69
N ASP A 240 3.31 -11.39 21.34
CA ASP A 240 2.32 -12.10 22.08
C ASP A 240 1.40 -12.83 21.13
N VAL A 241 0.63 -13.76 21.67
CA VAL A 241 -0.45 -14.41 21.00
C VAL A 241 -1.69 -13.84 21.66
N PRO A 242 -2.81 -13.71 20.96
CA PRO A 242 -3.96 -13.01 21.51
C PRO A 242 -4.45 -13.51 22.84
N GLU A 243 -4.66 -14.83 22.90
CA GLU A 243 -5.24 -15.44 24.08
C GLU A 243 -4.41 -15.07 25.28
N SER A 244 -3.17 -14.67 25.06
CA SER A 244 -2.39 -14.33 26.22
C SER A 244 -2.51 -12.90 26.68
N THR A 245 -3.45 -12.14 26.12
CA THR A 245 -3.56 -10.71 26.46
C THR A 245 -4.90 -10.44 27.06
N GLY A 246 -5.03 -9.40 27.87
CA GLY A 246 -6.38 -9.13 28.39
C GLY A 246 -7.26 -8.50 27.29
N PHE A 247 -6.59 -7.80 26.36
CA PHE A 247 -7.33 -7.02 25.35
C PHE A 247 -8.04 -7.91 24.35
N PHE A 248 -7.30 -8.92 23.91
CA PHE A 248 -7.73 -9.73 22.79
C PHE A 248 -8.32 -11.08 23.18
N LYS A 249 -8.25 -11.50 24.46
CA LYS A 249 -8.81 -12.82 24.69
C LYS A 249 -10.32 -12.82 24.58
N SER A 250 -10.99 -13.99 24.58
CA SER A 250 -12.42 -13.91 24.45
C SER A 250 -13.07 -13.16 25.60
N ASN A 251 -14.14 -12.46 25.29
CA ASN A 251 -14.71 -11.60 26.31
C ASN A 251 -13.67 -10.62 26.86
N GLY A 252 -12.57 -10.37 26.12
CA GLY A 252 -11.55 -9.41 26.52
C GLY A 252 -11.99 -7.96 26.33
N THR A 253 -11.04 -7.06 26.53
CA THR A 253 -11.32 -5.67 26.38
C THR A 253 -12.02 -5.38 25.03
N TYR A 254 -11.48 -5.98 23.97
CA TYR A 254 -11.72 -5.52 22.58
C TYR A 254 -13.19 -5.65 22.17
N VAL A 255 -13.98 -6.18 23.09
CA VAL A 255 -15.42 -6.34 22.89
C VAL A 255 -16.19 -5.54 23.94
N THR A 256 -15.46 -4.61 24.54
CA THR A 256 -15.99 -3.73 25.59
C THR A 256 -16.21 -2.33 25.03
N GLU A 257 -17.22 -1.69 25.59
CA GLU A 257 -17.62 -0.33 25.22
C GLU A 257 -16.37 0.51 24.91
N LYS A 258 -15.44 0.44 25.86
CA LYS A 258 -14.20 1.23 25.81
C LYS A 258 -13.32 0.75 24.68
N GLY A 259 -13.28 -0.57 24.51
CA GLY A 259 -12.42 -1.17 23.50
C GLY A 259 -12.93 -0.82 22.13
N LYS A 260 -14.26 -0.89 21.93
CA LYS A 260 -14.90 -0.60 20.64
C LYS A 260 -14.70 0.85 20.27
N PHE A 261 -14.82 1.66 21.30
CA PHE A 261 -14.61 3.08 21.14
C PHE A 261 -13.20 3.41 20.63
N PHE A 262 -12.21 2.90 21.36
CA PHE A 262 -10.83 3.04 21.04
C PHE A 262 -10.56 2.52 19.64
N LEU A 263 -11.07 1.29 19.34
CA LEU A 263 -10.79 0.67 18.07
C LEU A 263 -11.37 1.49 16.95
N THR A 264 -12.52 2.08 17.18
CA THR A 264 -13.12 2.90 16.15
C THR A 264 -12.33 4.19 15.97
N TRP A 265 -11.92 4.78 17.10
CA TRP A 265 -11.11 5.99 17.05
C TRP A 265 -9.78 5.78 16.27
N TYR A 266 -9.09 4.68 16.61
CA TYR A 266 -7.81 4.28 16.08
C TYR A 266 -7.84 4.02 14.55
N SER A 267 -8.83 3.27 14.08
CA SER A 267 -9.04 2.97 12.67
C SER A 267 -9.51 4.19 11.86
N ASN A 268 -10.37 5.03 12.47
CA ASN A 268 -10.84 6.23 11.80
C ASN A 268 -9.67 7.22 11.58
N LYS A 269 -8.67 7.27 12.47
CA LYS A 269 -7.55 8.17 12.25
C LYS A 269 -6.84 7.91 10.91
N LEU A 270 -6.75 6.65 10.53
CA LEU A 270 -6.17 6.26 9.24
C LEU A 270 -7.07 6.70 8.12
N LEU A 271 -8.35 6.45 8.28
CA LEU A 271 -9.24 6.79 7.22
C LEU A 271 -9.10 8.24 6.92
N ASN A 272 -9.13 9.05 7.95
CA ASN A 272 -9.05 10.49 7.72
C ASN A 272 -7.67 10.89 7.24
N HIS A 273 -6.65 10.22 7.75
CA HIS A 273 -5.32 10.51 7.26
C HIS A 273 -5.27 10.31 5.73
N GLY A 274 -5.72 9.14 5.31
CA GLY A 274 -5.66 8.87 3.90
C GLY A 274 -6.52 9.86 3.10
N ASP A 275 -7.71 10.18 3.62
CA ASP A 275 -8.61 11.00 2.86
C ASP A 275 -8.08 12.41 2.63
N GLN A 276 -7.47 13.00 3.61
CA GLN A 276 -6.96 14.35 3.48
C GLN A 276 -5.75 14.45 2.57
N ILE A 277 -4.87 13.46 2.65
CA ILE A 277 -3.68 13.48 1.78
C ILE A 277 -4.05 13.19 0.32
N LEU A 278 -5.04 12.35 0.09
CA LEU A 278 -5.52 12.08 -1.25
C LEU A 278 -6.14 13.35 -1.83
N ASP A 279 -6.78 14.12 -1.00
CA ASP A 279 -7.32 15.37 -1.42
C ASP A 279 -6.23 16.24 -1.98
N GLU A 280 -5.10 16.33 -1.25
CA GLU A 280 -3.96 17.14 -1.71
C GLU A 280 -3.39 16.58 -3.02
N ALA A 281 -3.35 15.24 -3.15
CA ALA A 281 -2.81 14.59 -4.33
C ALA A 281 -3.70 14.85 -5.56
N ASN A 282 -4.97 14.87 -5.33
CA ASN A 282 -5.89 15.07 -6.37
C ASN A 282 -5.75 16.46 -6.85
N LYS A 283 -5.42 17.34 -5.96
CA LYS A 283 -5.20 18.68 -6.44
C LYS A 283 -3.87 18.87 -7.10
N ALA A 284 -2.87 18.23 -6.61
CA ALA A 284 -1.62 18.36 -7.28
C ALA A 284 -1.61 17.80 -8.73
N PHE A 285 -2.33 16.68 -9.00
CA PHE A 285 -2.21 16.03 -10.29
C PHE A 285 -3.39 16.33 -11.14
N LEU A 286 -4.17 17.29 -10.66
CA LEU A 286 -5.41 17.60 -11.34
C LEU A 286 -5.16 17.86 -12.85
N GLY A 287 -5.92 17.21 -13.73
CA GLY A 287 -5.77 17.38 -15.17
C GLY A 287 -4.74 16.46 -15.82
N CYS A 288 -3.91 15.80 -15.02
CA CYS A 288 -2.89 14.91 -15.59
C CYS A 288 -3.50 13.56 -16.00
N LYS A 289 -2.94 12.85 -17.00
CA LYS A 289 -3.41 11.51 -17.30
C LYS A 289 -2.78 10.47 -16.39
N VAL A 290 -3.15 10.44 -15.12
CA VAL A 290 -2.72 9.40 -14.20
C VAL A 290 -3.91 9.05 -13.37
N LYS A 291 -3.84 7.88 -12.72
CA LYS A 291 -4.76 7.47 -11.67
C LYS A 291 -3.99 7.56 -10.36
N LEU A 292 -4.69 7.84 -9.30
CA LEU A 292 -4.10 7.83 -7.97
C LEU A 292 -4.32 6.47 -7.38
N ALA A 293 -3.42 6.03 -6.51
CA ALA A 293 -3.52 4.72 -5.85
C ALA A 293 -3.00 4.81 -4.40
N ILE A 294 -3.47 3.89 -3.55
CA ILE A 294 -2.93 3.73 -2.18
C ILE A 294 -2.68 2.28 -1.99
N LYS A 295 -1.83 2.01 -0.99
CA LYS A 295 -1.42 0.65 -0.64
C LYS A 295 -1.97 0.21 0.71
N VAL A 296 -2.61 -0.97 0.71
CA VAL A 296 -3.16 -1.57 1.89
C VAL A 296 -2.44 -2.89 2.15
N SER A 297 -1.88 -3.02 3.32
CA SER A 297 -1.11 -4.19 3.69
C SER A 297 -2.00 -5.42 3.84
N GLY A 298 -1.46 -6.62 3.63
CA GLY A 298 -2.31 -7.82 3.81
C GLY A 298 -1.92 -8.57 5.09
N ILE A 299 -2.66 -8.32 6.17
CA ILE A 299 -2.24 -8.90 7.45
C ILE A 299 -3.09 -10.14 7.73
N HIS A 300 -2.59 -11.29 7.26
CA HIS A 300 -3.35 -12.52 7.18
C HIS A 300 -3.28 -13.34 8.47
N TRP A 301 -2.27 -13.05 9.26
CA TRP A 301 -2.06 -13.73 10.53
C TRP A 301 -3.08 -13.31 11.58
N TRP A 302 -3.68 -14.32 12.23
CA TRP A 302 -4.78 -14.15 13.20
C TRP A 302 -6.12 -13.84 12.53
N TYR A 303 -6.13 -13.94 11.22
CA TYR A 303 -7.36 -13.64 10.50
C TYR A 303 -8.43 -14.63 10.88
N LYS A 304 -8.01 -15.87 11.18
CA LYS A 304 -8.93 -16.96 11.43
C LYS A 304 -9.39 -17.10 12.87
N VAL A 305 -9.06 -16.14 13.73
CA VAL A 305 -9.60 -16.13 15.06
C VAL A 305 -10.49 -14.93 15.21
N GLU A 306 -11.40 -14.95 16.15
CA GLU A 306 -12.37 -13.87 16.25
C GLU A 306 -11.79 -12.48 16.46
N ASN A 307 -10.68 -12.42 17.18
CA ASN A 307 -10.10 -11.14 17.56
C ASN A 307 -9.33 -10.41 16.46
N HIS A 308 -8.87 -11.11 15.38
CA HIS A 308 -8.15 -10.46 14.25
C HIS A 308 -7.08 -9.51 14.79
N ALA A 309 -6.34 -9.99 15.79
CA ALA A 309 -5.48 -9.13 16.54
C ALA A 309 -4.49 -8.32 15.72
N ALA A 310 -3.74 -8.98 14.80
CA ALA A 310 -2.71 -8.28 14.00
C ALA A 310 -3.36 -7.24 13.11
N GLU A 311 -4.51 -7.58 12.54
CA GLU A 311 -5.21 -6.53 11.79
C GLU A 311 -5.57 -5.32 12.70
N LEU A 312 -6.31 -5.52 13.84
CA LEU A 312 -6.50 -4.42 14.79
C LEU A 312 -5.07 -4.19 15.25
N THR A 313 -4.60 -3.14 15.64
CA THR A 313 -3.10 -3.10 15.82
C THR A 313 -2.43 -2.39 14.70
N ALA A 314 -2.65 -2.92 13.50
CA ALA A 314 -2.21 -2.25 12.29
C ALA A 314 -3.17 -1.08 11.95
N GLY A 315 -4.37 -1.09 12.56
CA GLY A 315 -5.32 -0.02 12.32
C GLY A 315 -6.44 -0.43 11.42
N TYR A 316 -6.53 -1.73 11.03
CA TYR A 316 -7.64 -2.19 10.23
C TYR A 316 -8.72 -2.84 11.09
N TYR A 317 -9.78 -2.12 11.43
CA TYR A 317 -10.76 -2.64 12.42
C TYR A 317 -11.72 -3.64 11.79
N ASN A 318 -11.13 -4.79 11.49
CA ASN A 318 -11.76 -5.86 10.76
C ASN A 318 -11.98 -7.08 11.66
N LEU A 319 -13.27 -7.39 11.88
CA LEU A 319 -13.70 -8.55 12.67
C LEU A 319 -14.63 -9.42 11.79
N ASN A 320 -15.06 -10.56 12.31
CA ASN A 320 -16.00 -11.38 11.54
C ASN A 320 -17.35 -10.73 11.36
N ASP A 321 -17.66 -9.74 12.13
CA ASP A 321 -18.94 -9.11 11.93
C ASP A 321 -18.81 -7.58 11.64
N ARG A 322 -17.60 -7.17 11.25
CA ARG A 322 -17.37 -5.73 10.97
C ARG A 322 -16.32 -5.61 9.90
N ASP A 323 -16.73 -5.26 8.69
CA ASP A 323 -15.79 -5.19 7.57
C ASP A 323 -14.91 -3.89 7.71
N GLY A 324 -13.64 -4.08 8.04
CA GLY A 324 -12.76 -2.93 8.24
C GLY A 324 -12.06 -2.50 6.94
N TYR A 325 -12.31 -3.14 5.77
CA TYR A 325 -11.63 -2.72 4.52
C TYR A 325 -12.56 -1.97 3.59
N ARG A 326 -13.81 -2.41 3.55
CA ARG A 326 -14.76 -1.79 2.68
C ARG A 326 -14.85 -0.32 2.90
N PRO A 327 -14.67 0.15 4.12
CA PRO A 327 -14.74 1.58 4.34
C PRO A 327 -13.59 2.29 3.66
N ILE A 328 -12.45 1.65 3.64
CA ILE A 328 -11.35 2.23 2.91
C ILE A 328 -11.71 2.37 1.45
N ALA A 329 -12.24 1.30 0.88
CA ALA A 329 -12.62 1.29 -0.53
C ALA A 329 -13.66 2.37 -0.83
N ARG A 330 -14.56 2.59 0.09
CA ARG A 330 -15.55 3.62 -0.16
C ARG A 330 -14.89 5.00 -0.14
N MET A 331 -14.01 5.17 0.81
CA MET A 331 -13.24 6.41 0.90
C MET A 331 -12.48 6.73 -0.41
N LEU A 332 -11.85 5.69 -1.00
CA LEU A 332 -11.12 5.83 -2.23
C LEU A 332 -12.02 6.20 -3.38
N SER A 333 -13.30 5.82 -3.31
CA SER A 333 -14.20 6.16 -4.43
C SER A 333 -14.35 7.66 -4.76
N ARG A 334 -14.33 8.55 -3.76
CA ARG A 334 -14.51 9.93 -4.09
C ARG A 334 -13.32 10.46 -4.84
N HIS A 335 -12.16 9.86 -4.61
CA HIS A 335 -10.98 10.26 -5.27
C HIS A 335 -10.73 9.47 -6.55
N HIS A 336 -11.64 8.59 -6.93
CA HIS A 336 -11.42 7.82 -8.14
C HIS A 336 -10.13 7.01 -8.09
N ALA A 337 -9.71 6.58 -6.87
CA ALA A 337 -8.45 5.92 -6.66
C ALA A 337 -8.53 4.42 -6.62
N ILE A 338 -7.38 3.85 -6.86
CA ILE A 338 -7.18 2.44 -6.93
C ILE A 338 -6.66 1.93 -5.56
N LEU A 339 -7.18 0.76 -5.20
CA LEU A 339 -6.76 0.06 -3.97
C LEU A 339 -5.72 -0.99 -4.34
N ASN A 340 -4.47 -0.73 -4.00
CA ASN A 340 -3.46 -1.63 -4.34
C ASN A 340 -3.24 -2.55 -3.12
N PHE A 341 -3.74 -3.79 -3.21
CA PHE A 341 -3.60 -4.76 -2.09
C PHE A 341 -2.25 -5.54 -2.15
N THR A 342 -1.36 -5.26 -1.24
CA THR A 342 0.02 -5.64 -1.37
C THR A 342 0.39 -7.10 -1.04
N CYS A 343 -0.57 -8.05 -1.05
CA CYS A 343 -0.25 -9.48 -0.78
C CYS A 343 -1.19 -10.31 -1.59
N LEU A 344 -0.70 -11.00 -2.63
CA LEU A 344 -1.64 -11.69 -3.45
C LEU A 344 -1.34 -13.14 -3.62
N GLU A 345 -0.09 -13.47 -3.34
CA GLU A 345 0.39 -14.76 -3.75
C GLU A 345 0.22 -15.95 -2.79
N MET A 346 -0.03 -15.68 -1.53
CA MET A 346 -0.02 -16.72 -0.56
C MET A 346 -1.22 -17.63 -0.52
N ARG A 347 -0.91 -18.90 -0.18
CA ARG A 347 -1.91 -19.95 0.02
C ARG A 347 -2.02 -20.25 1.54
N ASP A 348 -3.25 -20.51 2.02
CA ASP A 348 -3.44 -20.81 3.46
C ASP A 348 -2.52 -21.94 3.92
N SER A 349 -2.38 -22.95 3.06
CA SER A 349 -1.53 -24.09 3.35
C SER A 349 -0.05 -23.83 3.44
N GLU A 350 0.39 -22.63 3.18
CA GLU A 350 1.82 -22.40 3.29
C GLU A 350 2.12 -21.76 4.65
N GLN A 351 1.09 -21.49 5.43
CA GLN A 351 1.36 -20.85 6.70
C GLN A 351 1.46 -21.84 7.85
N PRO A 352 2.37 -21.58 8.80
CA PRO A 352 2.45 -22.37 10.02
C PRO A 352 1.08 -22.36 10.67
N SER A 353 0.66 -23.51 11.17
CA SER A 353 -0.69 -23.64 11.66
C SER A 353 -1.04 -22.75 12.84
N ASP A 354 -0.06 -22.47 13.65
CA ASP A 354 -0.32 -21.72 14.84
C ASP A 354 -0.49 -20.22 14.58
N ALA A 355 -0.30 -19.79 13.33
CA ALA A 355 -0.46 -18.39 12.98
C ALA A 355 -1.95 -18.07 12.70
N LYS A 356 -2.78 -19.09 12.49
CA LYS A 356 -4.20 -18.91 12.21
C LYS A 356 -4.40 -17.97 11.05
N SER A 357 -3.64 -18.23 9.96
CA SER A 357 -3.62 -17.42 8.77
C SER A 357 -4.64 -17.78 7.83
N GLY A 358 -5.28 -16.74 7.26
CA GLY A 358 -6.24 -16.96 6.21
C GLY A 358 -5.98 -16.02 5.02
N PRO A 359 -4.75 -16.11 4.45
CA PRO A 359 -4.42 -15.24 3.33
C PRO A 359 -5.45 -15.31 2.18
N GLN A 360 -5.87 -16.50 1.77
CA GLN A 360 -6.80 -16.53 0.66
C GLN A 360 -8.13 -15.90 0.96
N GLU A 361 -8.58 -16.07 2.18
CA GLU A 361 -9.89 -15.51 2.58
C GLU A 361 -9.82 -13.98 2.67
N LEU A 362 -8.69 -13.52 3.22
CA LEU A 362 -8.44 -12.08 3.35
C LEU A 362 -8.51 -11.44 1.98
N VAL A 363 -7.77 -11.99 1.05
CA VAL A 363 -7.82 -11.54 -0.34
C VAL A 363 -9.26 -11.46 -0.88
N GLN A 364 -10.04 -12.55 -0.83
CA GLN A 364 -11.38 -12.50 -1.34
C GLN A 364 -12.24 -11.44 -0.69
N GLN A 365 -12.02 -11.24 0.59
CA GLN A 365 -12.74 -10.22 1.30
C GLN A 365 -12.43 -8.81 0.75
N VAL A 366 -11.13 -8.46 0.73
CA VAL A 366 -10.64 -7.12 0.31
C VAL A 366 -11.00 -6.83 -1.17
N LEU A 367 -10.73 -7.77 -2.08
CA LEU A 367 -11.07 -7.49 -3.47
C LEU A 367 -12.55 -7.29 -3.74
N SER A 368 -13.33 -8.20 -3.16
CA SER A 368 -14.75 -8.16 -3.30
C SER A 368 -15.26 -6.87 -2.83
N GLY A 369 -14.73 -6.44 -1.68
CA GLY A 369 -15.19 -5.15 -1.11
C GLY A 369 -14.98 -3.97 -2.10
N GLY A 370 -13.81 -3.99 -2.75
CA GLY A 370 -13.48 -3.00 -3.74
C GLY A 370 -14.42 -3.10 -4.91
N TRP A 371 -14.59 -4.29 -5.41
CA TRP A 371 -15.47 -4.46 -6.54
C TRP A 371 -16.90 -4.03 -6.21
N ARG A 372 -17.30 -4.36 -5.00
CA ARG A 372 -18.62 -3.99 -4.57
C ARG A 372 -18.83 -2.46 -4.50
N GLU A 373 -17.79 -1.70 -4.12
CA GLU A 373 -17.87 -0.23 -4.01
C GLU A 373 -17.59 0.45 -5.36
N ASP A 374 -17.29 -0.40 -6.36
CA ASP A 374 -17.03 0.02 -7.69
C ASP A 374 -15.76 0.84 -7.85
N ILE A 375 -14.66 0.38 -7.26
CA ILE A 375 -13.41 1.02 -7.46
C ILE A 375 -12.51 0.04 -8.15
N ARG A 376 -11.37 0.50 -8.64
CA ARG A 376 -10.42 -0.38 -9.29
C ARG A 376 -9.53 -0.98 -8.25
N VAL A 377 -9.14 -2.27 -8.41
CA VAL A 377 -8.34 -2.99 -7.38
C VAL A 377 -7.07 -3.52 -8.03
N ALA A 378 -5.89 -3.29 -7.44
CA ALA A 378 -4.66 -3.83 -8.00
C ALA A 378 -3.96 -4.58 -6.89
N GLY A 379 -2.82 -5.18 -7.15
CA GLY A 379 -2.15 -5.77 -6.00
C GLY A 379 -0.69 -6.08 -6.30
N GLU A 380 0.04 -6.63 -5.29
CA GLU A 380 1.43 -7.06 -5.44
C GLU A 380 1.63 -8.38 -4.69
N ASN A 381 2.70 -9.08 -5.01
CA ASN A 381 3.05 -10.18 -4.21
C ASN A 381 3.80 -9.60 -3.06
N ALA A 382 3.69 -10.24 -1.89
CA ALA A 382 4.35 -9.74 -0.71
C ALA A 382 5.77 -10.17 -0.57
N LEU A 383 6.08 -11.40 -0.98
CA LEU A 383 7.45 -11.89 -0.80
C LEU A 383 7.91 -12.37 -2.09
N PRO A 384 9.21 -12.45 -2.23
CA PRO A 384 9.82 -12.86 -3.47
C PRO A 384 9.47 -14.27 -3.86
N ARG A 385 8.85 -14.49 -5.00
CA ARG A 385 8.55 -15.85 -5.39
C ARG A 385 8.90 -16.07 -6.85
N TYR A 386 9.38 -17.29 -7.17
CA TYR A 386 9.74 -17.63 -8.51
C TYR A 386 9.07 -18.89 -9.05
N ASP A 387 8.17 -19.44 -8.30
CA ASP A 387 7.57 -20.72 -8.64
C ASP A 387 6.19 -20.63 -9.26
N ALA A 388 5.81 -21.71 -9.95
CA ALA A 388 4.52 -21.71 -10.59
C ALA A 388 3.36 -21.59 -9.68
N THR A 389 3.52 -22.16 -8.48
CA THR A 389 2.51 -22.12 -7.42
C THR A 389 2.09 -20.66 -7.15
N ALA A 390 3.08 -19.85 -6.76
CA ALA A 390 2.88 -18.45 -6.55
C ALA A 390 2.20 -17.80 -7.75
N TYR A 391 2.80 -17.95 -8.94
CA TYR A 391 2.26 -17.36 -10.11
C TYR A 391 0.84 -17.72 -10.34
N ASN A 392 0.47 -18.99 -10.20
CA ASN A 392 -0.90 -19.38 -10.48
C ASN A 392 -1.88 -18.77 -9.47
N GLN A 393 -1.36 -18.51 -8.29
CA GLN A 393 -2.22 -17.91 -7.29
C GLN A 393 -2.56 -16.46 -7.64
N ILE A 394 -1.55 -15.75 -8.12
CA ILE A 394 -1.74 -14.38 -8.52
C ILE A 394 -2.68 -14.31 -9.70
N ILE A 395 -2.48 -15.18 -10.67
CA ILE A 395 -3.34 -15.24 -11.82
C ILE A 395 -4.80 -15.53 -11.46
N LEU A 396 -5.01 -16.37 -10.44
CA LEU A 396 -6.39 -16.69 -10.00
C LEU A 396 -7.07 -15.40 -9.44
N ASN A 397 -6.33 -14.71 -8.55
CA ASN A 397 -6.81 -13.49 -7.94
C ASN A 397 -7.04 -12.40 -8.96
N ALA A 398 -6.25 -12.42 -10.05
CA ALA A 398 -6.38 -11.39 -11.07
C ALA A 398 -7.70 -11.53 -11.80
N LYS A 399 -8.12 -12.79 -11.99
CA LYS A 399 -9.38 -13.02 -12.70
C LYS A 399 -10.12 -14.16 -12.00
N PRO A 400 -10.66 -13.88 -10.81
CA PRO A 400 -11.26 -14.88 -9.96
C PRO A 400 -12.29 -15.81 -10.63
N GLN A 401 -12.91 -15.34 -11.70
CA GLN A 401 -13.89 -16.16 -12.38
C GLN A 401 -13.42 -16.66 -13.74
N GLY A 402 -12.11 -16.57 -13.97
CA GLY A 402 -11.62 -17.04 -15.25
C GLY A 402 -11.79 -15.99 -16.34
N VAL A 403 -11.44 -16.40 -17.53
CA VAL A 403 -11.47 -15.55 -18.69
C VAL A 403 -12.84 -15.65 -19.31
N ASN A 404 -13.33 -14.57 -19.93
CA ASN A 404 -14.57 -14.55 -20.71
C ASN A 404 -14.20 -14.52 -22.17
N ASN A 405 -14.43 -15.60 -22.84
CA ASN A 405 -13.94 -15.67 -24.20
C ASN A 405 -14.85 -14.95 -25.18
N ASN A 406 -15.91 -14.39 -24.65
CA ASN A 406 -16.77 -13.61 -25.48
C ASN A 406 -17.16 -12.31 -24.81
N GLY A 407 -16.18 -11.67 -24.18
CA GLY A 407 -16.39 -10.40 -23.55
C GLY A 407 -15.38 -10.17 -22.44
N PRO A 408 -15.51 -9.04 -21.76
CA PRO A 408 -14.66 -8.73 -20.65
C PRO A 408 -15.05 -9.69 -19.53
N PRO A 409 -14.12 -10.03 -18.70
CA PRO A 409 -14.39 -10.93 -17.56
C PRO A 409 -15.35 -10.24 -16.57
N LYS A 410 -16.16 -10.97 -15.75
CA LYS A 410 -17.05 -10.20 -14.81
C LYS A 410 -16.31 -9.56 -13.71
N LEU A 411 -15.18 -10.18 -13.34
CA LEU A 411 -14.33 -9.59 -12.34
C LEU A 411 -12.90 -9.66 -12.82
N SER A 412 -12.17 -8.53 -12.66
CA SER A 412 -10.75 -8.52 -12.93
C SER A 412 -10.02 -7.45 -12.20
N MET A 413 -8.76 -7.75 -11.86
CA MET A 413 -7.97 -6.75 -11.24
C MET A 413 -7.44 -5.81 -12.30
N PHE A 414 -7.08 -4.63 -11.87
CA PHE A 414 -6.69 -3.54 -12.75
C PHE A 414 -5.22 -3.64 -13.13
N GLY A 415 -4.45 -4.35 -12.32
CA GLY A 415 -3.03 -4.52 -12.52
C GLY A 415 -2.43 -5.28 -11.35
N VAL A 416 -1.23 -5.82 -11.63
CA VAL A 416 -0.42 -6.48 -10.65
C VAL A 416 1.01 -6.04 -10.82
N THR A 417 1.65 -5.64 -9.72
CA THR A 417 3.03 -5.28 -9.66
C THR A 417 3.82 -6.36 -8.91
N TYR A 418 4.55 -7.13 -9.70
CA TYR A 418 5.44 -8.20 -9.20
C TYR A 418 6.54 -7.60 -8.31
N LEU A 419 6.99 -8.41 -7.35
CA LEU A 419 7.92 -7.95 -6.31
C LEU A 419 9.38 -8.08 -6.77
N ARG A 420 9.84 -6.98 -7.33
CA ARG A 420 11.26 -6.66 -7.48
C ARG A 420 11.85 -7.36 -8.71
N LEU A 421 12.80 -6.65 -9.28
CA LEU A 421 13.56 -7.07 -10.46
C LEU A 421 15.03 -7.24 -10.08
N SER A 422 15.36 -8.47 -9.73
CA SER A 422 16.70 -8.84 -9.25
C SER A 422 17.37 -9.79 -10.24
N ASP A 423 18.64 -10.07 -9.97
CA ASP A 423 19.40 -11.06 -10.76
C ASP A 423 18.72 -12.40 -10.79
N ASP A 424 18.15 -12.72 -9.65
CA ASP A 424 17.48 -13.99 -9.51
C ASP A 424 16.37 -14.11 -10.48
N LEU A 425 15.62 -13.03 -10.61
CA LEU A 425 14.48 -13.07 -11.46
C LEU A 425 14.94 -13.41 -12.85
N LEU A 426 16.10 -12.90 -13.17
CA LEU A 426 16.61 -12.90 -14.53
C LEU A 426 17.36 -14.16 -14.89
N GLN A 427 17.63 -14.97 -13.89
CA GLN A 427 18.25 -16.23 -14.15
C GLN A 427 17.41 -17.05 -15.10
N LYS A 428 18.06 -17.75 -16.04
CA LYS A 428 17.40 -18.52 -17.07
C LYS A 428 16.11 -19.30 -16.69
N SER A 429 16.19 -20.26 -15.79
CA SER A 429 15.00 -20.99 -15.42
C SER A 429 13.88 -20.13 -14.82
N ASN A 430 14.26 -19.25 -13.89
CA ASN A 430 13.28 -18.36 -13.24
C ASN A 430 12.61 -17.47 -14.28
N PHE A 431 13.42 -16.86 -15.16
CA PHE A 431 12.86 -16.00 -16.17
C PHE A 431 11.93 -16.71 -17.13
N ASN A 432 12.20 -17.99 -17.44
CA ASN A 432 11.32 -18.65 -18.34
C ASN A 432 9.95 -18.76 -17.76
N ILE A 433 9.93 -18.93 -16.42
CA ILE A 433 8.67 -19.13 -15.73
C ILE A 433 7.91 -17.82 -15.72
N PHE A 434 8.62 -16.76 -15.39
CA PHE A 434 8.05 -15.43 -15.35
C PHE A 434 7.38 -15.03 -16.70
N LYS A 435 8.08 -15.37 -17.78
CA LYS A 435 7.57 -15.12 -19.07
C LYS A 435 6.22 -15.74 -19.24
N LYS A 436 6.04 -16.96 -18.71
CA LYS A 436 4.72 -17.54 -18.88
C LYS A 436 3.72 -16.88 -18.00
N PHE A 437 4.17 -16.47 -16.84
CA PHE A 437 3.26 -15.81 -15.96
C PHE A 437 2.79 -14.57 -16.66
N VAL A 438 3.72 -13.88 -17.32
CA VAL A 438 3.29 -12.67 -18.04
C VAL A 438 2.30 -13.04 -19.13
N LEU A 439 2.58 -14.07 -19.88
CA LEU A 439 1.67 -14.43 -20.94
C LEU A 439 0.21 -14.71 -20.45
N LYS A 440 0.14 -15.45 -19.37
CA LYS A 440 -1.12 -15.88 -18.81
C LYS A 440 -1.89 -14.69 -18.24
N MET A 441 -1.18 -13.74 -17.62
CA MET A 441 -1.83 -12.49 -17.16
C MET A 441 -2.46 -11.78 -18.33
N HIS A 442 -1.75 -11.85 -19.47
CA HIS A 442 -2.12 -11.19 -20.68
C HIS A 442 -3.19 -12.01 -21.41
N ALA A 443 -3.62 -13.05 -20.72
CA ALA A 443 -4.66 -13.91 -21.23
C ALA A 443 -4.26 -14.56 -22.54
N ASP A 444 -2.99 -14.94 -22.63
CA ASP A 444 -2.43 -15.55 -23.82
C ASP A 444 -2.22 -14.61 -25.00
N GLN A 445 -2.44 -13.33 -24.83
CA GLN A 445 -2.23 -12.41 -25.94
C GLN A 445 -0.82 -11.88 -25.86
N ASP A 446 -0.34 -11.37 -26.96
CA ASP A 446 0.95 -10.70 -26.94
C ASP A 446 0.81 -9.37 -26.20
N TYR A 447 1.96 -8.84 -25.78
CA TYR A 447 2.02 -7.59 -25.12
C TYR A 447 1.26 -6.60 -25.93
N CYS A 448 0.52 -5.71 -25.27
CA CYS A 448 -0.34 -4.76 -25.97
C CYS A 448 -0.05 -3.35 -25.54
N ALA A 449 0.63 -2.63 -26.43
CA ALA A 449 1.18 -1.33 -26.08
C ALA A 449 0.19 -0.24 -25.81
N ASN A 450 -0.99 -0.33 -26.42
CA ASN A 450 -2.00 0.71 -26.27
C ASN A 450 -3.10 0.20 -25.36
N PRO A 451 -3.10 0.63 -24.13
CA PRO A 451 -4.03 0.15 -23.12
C PRO A 451 -5.52 0.44 -23.43
N GLN A 452 -5.78 1.30 -24.39
CA GLN A 452 -7.14 1.57 -24.80
C GLN A 452 -7.76 0.30 -25.38
N LYS A 453 -6.92 -0.51 -26.03
CA LYS A 453 -7.44 -1.76 -26.62
C LYS A 453 -8.04 -2.70 -25.60
N TYR A 454 -7.44 -2.66 -24.39
CA TYR A 454 -7.95 -3.48 -23.33
C TYR A 454 -8.74 -2.68 -22.27
N ASN A 455 -9.33 -1.55 -22.67
CA ASN A 455 -10.22 -0.83 -21.82
C ASN A 455 -9.56 -0.27 -20.57
N HIS A 456 -8.32 0.24 -20.75
CA HIS A 456 -7.60 0.92 -19.71
C HIS A 456 -7.11 2.27 -20.19
N ALA A 457 -7.88 3.01 -20.93
CA ALA A 457 -7.42 4.35 -21.33
C ALA A 457 -7.35 5.29 -20.14
N ILE A 458 -6.33 6.14 -20.06
CA ILE A 458 -6.27 7.04 -18.92
C ILE A 458 -6.68 8.40 -19.29
N THR A 459 -7.60 8.88 -18.56
CA THR A 459 -8.15 10.14 -18.77
C THR A 459 -7.56 11.09 -17.83
N PRO A 460 -7.74 12.36 -18.09
CA PRO A 460 -7.23 13.36 -17.22
C PRO A 460 -7.91 13.26 -15.91
N LEU A 461 -7.13 13.37 -14.86
CA LEU A 461 -7.62 13.25 -13.51
C LEU A 461 -8.67 14.29 -13.24
N LYS A 462 -9.80 13.90 -12.66
CA LYS A 462 -10.79 14.89 -12.25
C LYS A 462 -10.64 15.22 -10.80
N PRO A 463 -11.26 16.32 -10.40
CA PRO A 463 -11.30 16.72 -9.02
C PRO A 463 -12.08 15.67 -8.23
N SER A 464 -11.75 15.53 -7.00
CA SER A 464 -12.39 14.55 -6.19
C SER A 464 -13.83 14.90 -5.99
N ALA A 465 -14.65 13.88 -5.79
CA ALA A 465 -16.00 14.12 -5.40
C ALA A 465 -16.03 14.56 -3.93
N PRO A 466 -17.16 15.12 -3.52
CA PRO A 466 -17.26 15.73 -2.20
C PRO A 466 -17.06 14.78 -1.10
N LYS A 467 -16.63 15.33 0.00
CA LYS A 467 -16.40 14.62 1.21
C LYS A 467 -17.56 13.74 1.56
N ILE A 468 -17.25 12.49 1.91
CA ILE A 468 -18.20 11.55 2.45
C ILE A 468 -18.06 11.55 3.96
N PRO A 469 -19.14 11.81 4.68
CA PRO A 469 -19.03 11.86 6.13
C PRO A 469 -18.68 10.49 6.71
N ILE A 470 -17.87 10.49 7.77
CA ILE A 470 -17.46 9.29 8.46
C ILE A 470 -18.61 8.35 8.70
N GLU A 471 -19.81 8.85 9.03
CA GLU A 471 -20.96 7.97 9.21
C GLU A 471 -21.28 7.15 8.00
N VAL A 472 -21.18 7.79 6.85
CA VAL A 472 -21.45 7.10 5.62
C VAL A 472 -20.36 6.11 5.29
N LEU A 473 -19.13 6.49 5.60
CA LEU A 473 -18.09 5.56 5.32
C LEU A 473 -18.33 4.32 6.16
N LEU A 474 -18.65 4.59 7.43
CA LEU A 474 -18.84 3.51 8.39
C LEU A 474 -20.02 2.61 8.07
N GLU A 475 -20.92 2.99 7.15
CA GLU A 475 -21.95 2.08 6.73
C GLU A 475 -21.37 0.88 6.01
N ALA A 476 -20.19 1.09 5.41
CA ALA A 476 -19.57 0.02 4.64
C ALA A 476 -18.96 -1.04 5.51
N THR A 477 -19.11 -0.90 6.83
CA THR A 477 -18.64 -1.94 7.76
C THR A 477 -19.59 -3.17 7.75
N LYS A 478 -20.78 -3.00 7.17
CA LYS A 478 -21.73 -4.10 7.06
C LYS A 478 -21.14 -5.30 6.26
N PRO A 479 -21.06 -6.47 6.90
CA PRO A 479 -20.43 -7.55 6.22
C PRO A 479 -21.24 -8.00 5.05
N THR A 480 -20.53 -8.50 4.04
CA THR A 480 -21.17 -8.97 2.83
C THR A 480 -20.49 -10.24 2.45
N LEU A 481 -21.13 -11.01 1.61
CA LEU A 481 -20.54 -12.22 1.13
C LEU A 481 -19.66 -11.90 -0.06
N PRO A 482 -18.53 -12.50 -0.07
CA PRO A 482 -17.57 -12.30 -1.15
C PRO A 482 -18.07 -12.82 -2.49
N PHE A 483 -17.45 -12.40 -3.58
CA PHE A 483 -17.85 -12.94 -4.85
C PHE A 483 -17.22 -14.30 -4.87
N PRO A 484 -17.77 -15.14 -5.66
CA PRO A 484 -17.28 -16.51 -5.80
C PRO A 484 -15.98 -16.61 -6.63
N TRP A 485 -15.06 -17.44 -6.18
CA TRP A 485 -13.76 -17.67 -6.79
C TRP A 485 -13.70 -19.08 -7.34
N LEU A 486 -13.01 -19.26 -8.47
CA LEU A 486 -12.69 -20.58 -8.98
C LEU A 486 -11.71 -21.21 -7.97
N PRO A 487 -11.64 -22.53 -7.93
CA PRO A 487 -10.69 -23.24 -7.06
C PRO A 487 -9.26 -23.13 -7.59
N GLU A 488 -9.18 -22.96 -8.89
CA GLU A 488 -7.96 -22.89 -9.63
C GLU A 488 -8.17 -21.95 -10.81
N THR A 489 -7.11 -21.30 -11.26
CA THR A 489 -7.22 -20.47 -12.43
C THR A 489 -7.40 -21.31 -13.67
N ASP A 490 -8.14 -20.79 -14.58
CA ASP A 490 -8.26 -21.43 -15.84
C ASP A 490 -7.06 -21.10 -16.70
N MET A 491 -6.11 -20.34 -16.21
CA MET A 491 -5.00 -20.02 -17.06
C MET A 491 -3.72 -20.27 -16.35
N LYS A 492 -3.33 -21.52 -16.18
CA LYS A 492 -2.13 -21.78 -15.39
C LYS A 492 -0.83 -21.69 -16.11
N VAL A 493 0.21 -21.52 -15.35
CA VAL A 493 1.53 -21.48 -15.83
C VAL A 493 2.08 -22.82 -16.29
N ASP A 494 1.65 -23.91 -15.68
CA ASP A 494 1.99 -25.24 -16.20
C ASP A 494 0.91 -25.84 -17.17
N GLY A 495 1.17 -26.03 -18.39
C1 GLC B . 5.95 -12.45 6.44
C2 GLC B . 4.51 -12.64 6.33
C3 GLC B . 4.08 -11.56 5.39
C4 GLC B . 4.38 -10.18 5.94
C5 GLC B . 5.80 -10.12 6.47
C6 GLC B . 5.95 -8.88 7.30
O1 GLC B . 6.65 -13.62 6.79
O2 GLC B . 4.28 -13.88 5.76
O3 GLC B . 2.74 -11.71 5.04
O4 GLC B . 4.19 -9.19 4.93
O5 GLC B . 6.12 -11.30 7.28
O6 GLC B . 7.27 -8.45 7.49
C1 GLC B . 3.19 -8.12 5.44
C2 GLC B . 2.03 -8.02 4.43
C3 GLC B . 2.42 -7.23 3.15
C4 GLC B . 3.15 -5.89 3.49
C5 GLC B . 4.32 -6.20 4.44
C6 GLC B . 4.98 -4.90 4.82
O2 GLC B . 1.65 -9.35 4.05
O3 GLC B . 1.20 -7.03 2.47
O4 GLC B . 3.75 -5.20 2.37
O5 GLC B . 3.81 -6.83 5.65
O6 GLC B . 4.16 -4.04 5.54
C1 GLC B . 4.31 -5.38 0.72
C2 GLC B . 5.66 -6.05 0.54
C3 GLC B . 6.70 -5.05 1.00
C4 GLC B . 6.63 -3.77 0.14
C5 GLC B . 5.20 -3.28 0.25
C6 GLC B . 4.99 -2.04 -0.59
O2 GLC B . 5.63 -7.17 1.35
O3 GLC B . 8.00 -5.59 1.05
O4 GLC B . 7.43 -2.79 0.72
O5 GLC B . 4.33 -4.32 -0.23
O6 GLC B . 5.13 -2.21 -1.98
C1 GLC B . 8.83 -2.70 0.18
C2 GLC B . 9.64 -1.68 0.99
C3 GLC B . 8.99 -0.33 0.84
C4 GLC B . 8.89 0.07 -0.63
C5 GLC B . 8.10 -0.96 -1.39
C6 GLC B . 8.28 -0.68 -2.90
O2 GLC B . 9.80 -2.01 2.38
O3 GLC B . 9.74 0.59 1.56
O4 GLC B . 8.21 1.32 -0.69
O5 GLC B . 8.68 -2.24 -1.21
O6 GLC B . 9.61 -0.73 -3.47
S SO4 C . -24.31 -1.99 0.34
O1 SO4 C . -23.50 -1.98 1.55
O2 SO4 C . -23.86 -1.00 -0.58
O3 SO4 C . -25.65 -1.69 0.74
O4 SO4 C . -24.25 -3.26 -0.35
#